data_1MG9
#
_entry.id   1MG9
#
_cell.length_a   93.654
_cell.length_b   93.654
_cell.length_c   78.889
_cell.angle_alpha   90.00
_cell.angle_beta   90.00
_cell.angle_gamma   90.00
#
_symmetry.space_group_name_H-M   'P 41 21 2'
#
loop_
_entity.id
_entity.type
_entity.pdbx_description
1 polymer 'protein yljA'
2 polymer 'ATP dependent clp protease ATP-binding subunit clpA'
3 non-polymer 'SPERMINE (FULLY PROTONATED FORM)'
4 water water
#
loop_
_entity_poly.entity_id
_entity_poly.type
_entity_poly.pdbx_seq_one_letter_code
_entity_poly.pdbx_strand_id
1 'polypeptide(L)'
;MGKTNDWLDFDQLAEEKVRDALKPPSMYKVILVNDDYTPMEFVIDVLQKFFSYDVERATQLMLAVAYQGKAICGVFTAEV
AETKVAMVNKYARENEHPLLCTLEKA
;
A
2 'polypeptide(L)'
;MLNQELELSLNMAFARAREHRHEFMTVEHLLLALLSNPSAREALEACSVDLVALRQELEAFIEQTTPVLPASEEERDTQP
TLSFQRVLQRAVFHVQSSGRNEVTGANVLVAIFSEQESQAAYLLRKHEVSRLDVVNFISHGTRKDE
;
B
#
loop_
_chem_comp.id
_chem_comp.type
_chem_comp.name
_chem_comp.formula
SPK non-polymer 'SPERMINE (FULLY PROTONATED FORM)' 'C10 H30 N4 4'
#
# COMPACT_ATOMS: atom_id res chain seq x y z
N LYS A 23 -3.36 10.54 14.77
CA LYS A 23 -2.38 9.41 14.90
C LYS A 23 -1.99 8.83 13.53
N PRO A 24 -1.16 9.56 12.76
CA PRO A 24 -0.71 9.12 11.44
C PRO A 24 0.04 7.79 11.51
N PRO A 25 -0.04 6.97 10.45
CA PRO A 25 0.68 5.70 10.47
C PRO A 25 2.17 5.97 10.66
N SER A 26 2.84 5.08 11.36
CA SER A 26 4.27 5.28 11.61
C SER A 26 5.11 4.87 10.41
N MET A 27 6.30 5.47 10.27
CA MET A 27 7.22 5.15 9.19
C MET A 27 8.09 3.98 9.69
N TYR A 28 8.62 3.17 8.78
CA TYR A 28 9.41 2.01 9.17
C TYR A 28 10.79 1.87 8.52
N LYS A 29 11.77 1.43 9.31
CA LYS A 29 13.10 1.20 8.80
C LYS A 29 13.11 -0.21 8.21
N VAL A 30 13.69 -0.35 7.02
CA VAL A 30 13.81 -1.65 6.39
C VAL A 30 15.29 -1.99 6.56
N ILE A 31 15.55 -3.12 7.20
CA ILE A 31 16.89 -3.56 7.55
C ILE A 31 17.39 -4.90 6.99
N LEU A 32 18.69 -4.97 6.67
CA LEU A 32 19.28 -6.22 6.21
C LEU A 32 20.21 -6.69 7.32
N VAL A 33 20.14 -7.99 7.62
CA VAL A 33 20.97 -8.57 8.66
C VAL A 33 22.10 -9.40 8.07
N ASN A 34 23.22 -9.41 8.76
CA ASN A 34 24.41 -10.14 8.34
C ASN A 34 24.36 -11.63 8.64
N ASP A 35 24.89 -12.43 7.73
CA ASP A 35 24.97 -13.87 7.93
C ASP A 35 26.24 -14.29 7.22
N ASP A 36 26.73 -15.49 7.54
CA ASP A 36 27.96 -15.99 6.94
C ASP A 36 27.85 -16.70 5.58
N TYR A 37 26.64 -17.04 5.16
CA TYR A 37 26.50 -17.75 3.89
C TYR A 37 26.07 -16.97 2.64
N THR A 38 25.54 -15.75 2.81
CA THR A 38 25.12 -14.96 1.65
C THR A 38 26.32 -14.24 1.03
N PRO A 39 26.48 -14.31 -0.30
CA PRO A 39 27.62 -13.64 -0.93
C PRO A 39 27.41 -12.12 -0.98
N MET A 40 28.49 -11.37 -0.78
CA MET A 40 28.42 -9.91 -0.80
C MET A 40 27.80 -9.46 -2.11
N GLU A 41 28.10 -10.22 -3.17
CA GLU A 41 27.60 -9.93 -4.50
C GLU A 41 26.08 -9.96 -4.50
N PHE A 42 25.51 -10.92 -3.78
CA PHE A 42 24.05 -11.00 -3.74
C PHE A 42 23.43 -9.81 -3.00
N VAL A 43 24.02 -9.42 -1.88
CA VAL A 43 23.52 -8.28 -1.11
C VAL A 43 23.47 -7.04 -1.99
N ILE A 44 24.54 -6.83 -2.75
CA ILE A 44 24.62 -5.68 -3.66
C ILE A 44 23.50 -5.79 -4.68
N ASP A 45 23.24 -6.99 -5.14
CA ASP A 45 22.18 -7.26 -6.11
C ASP A 45 20.86 -6.75 -5.49
N VAL A 46 20.61 -7.15 -4.25
CA VAL A 46 19.40 -6.75 -3.54
C VAL A 46 19.23 -5.25 -3.38
N LEU A 47 20.27 -4.57 -2.92
CA LEU A 47 20.23 -3.13 -2.74
C LEU A 47 19.92 -2.42 -4.05
N GLN A 48 20.45 -2.94 -5.14
CA GLN A 48 20.24 -2.34 -6.45
C GLN A 48 18.84 -2.62 -7.00
N LYS A 49 18.44 -3.88 -6.95
CA LYS A 49 17.14 -4.28 -7.48
C LYS A 49 15.94 -3.77 -6.68
N PHE A 50 16.04 -3.80 -5.35
CA PHE A 50 14.92 -3.37 -4.52
C PHE A 50 15.01 -2.01 -3.86
N PHE A 51 16.20 -1.45 -3.74
CA PHE A 51 16.31 -0.15 -3.11
C PHE A 51 16.80 0.97 -4.00
N SER A 52 16.92 0.67 -5.30
CA SER A 52 17.36 1.63 -6.32
C SER A 52 18.70 2.30 -6.05
N TYR A 53 19.61 1.59 -5.41
CA TYR A 53 20.92 2.18 -5.15
C TYR A 53 21.85 1.94 -6.31
N ASP A 54 22.79 2.86 -6.51
CA ASP A 54 23.78 2.69 -7.56
C ASP A 54 24.82 1.74 -6.94
N VAL A 55 25.81 1.33 -7.73
CA VAL A 55 26.82 0.42 -7.25
C VAL A 55 27.60 0.90 -6.02
N GLU A 56 28.04 2.16 -6.05
CA GLU A 56 28.84 2.74 -4.97
C GLU A 56 28.09 2.85 -3.63
N ARG A 57 26.85 3.31 -3.69
CA ARG A 57 26.06 3.47 -2.48
C ARG A 57 25.65 2.10 -1.97
N ALA A 58 25.41 1.18 -2.89
CA ALA A 58 25.02 -0.17 -2.52
C ALA A 58 26.18 -0.89 -1.86
N THR A 59 27.37 -0.67 -2.39
CA THR A 59 28.55 -1.32 -1.85
C THR A 59 28.84 -0.90 -0.41
N GLN A 60 28.73 0.39 -0.12
CA GLN A 60 29.02 0.83 1.24
C GLN A 60 27.94 0.39 2.23
N LEU A 61 26.73 0.14 1.74
CA LEU A 61 25.66 -0.30 2.62
C LEU A 61 25.85 -1.80 2.94
N MET A 62 26.29 -2.58 1.95
CA MET A 62 26.55 -3.99 2.20
C MET A 62 27.71 -4.11 3.16
N LEU A 63 28.71 -3.24 2.99
CA LEU A 63 29.87 -3.23 3.88
C LEU A 63 29.45 -2.94 5.32
N ALA A 64 28.59 -1.94 5.50
CA ALA A 64 28.10 -1.56 6.81
C ALA A 64 27.35 -2.73 7.45
N VAL A 65 26.66 -3.50 6.61
CA VAL A 65 25.91 -4.66 7.07
C VAL A 65 26.89 -5.72 7.57
N ALA A 66 27.97 -5.94 6.82
CA ALA A 66 28.95 -6.93 7.20
C ALA A 66 29.77 -6.49 8.40
N TYR A 67 30.08 -5.19 8.45
CA TYR A 67 30.88 -4.64 9.55
C TYR A 67 30.10 -4.51 10.85
N GLN A 68 28.98 -3.81 10.80
CA GLN A 68 28.15 -3.58 11.97
C GLN A 68 27.14 -4.68 12.31
N GLY A 69 27.00 -5.68 11.43
CA GLY A 69 26.07 -6.76 11.70
C GLY A 69 24.70 -6.58 11.06
N LYS A 70 24.35 -5.32 10.78
CA LYS A 70 23.07 -5.00 10.16
C LYS A 70 23.09 -3.53 9.79
N ALA A 71 22.25 -3.14 8.86
CA ALA A 71 22.19 -1.73 8.45
C ALA A 71 20.82 -1.33 7.92
N ILE A 72 20.44 -0.10 8.20
CA ILE A 72 19.17 0.43 7.73
C ILE A 72 19.34 0.71 6.25
N CYS A 73 18.50 0.10 5.42
CA CYS A 73 18.61 0.29 3.99
C CYS A 73 17.59 1.27 3.44
N GLY A 74 16.63 1.66 4.26
CA GLY A 74 15.63 2.61 3.82
C GLY A 74 14.54 2.85 4.85
N VAL A 75 13.79 3.94 4.65
CA VAL A 75 12.69 4.31 5.52
C VAL A 75 11.45 4.52 4.65
N PHE A 76 10.43 3.70 4.87
CA PHE A 76 9.21 3.79 4.08
C PHE A 76 7.98 3.81 4.96
N THR A 77 6.82 3.98 4.34
CA THR A 77 5.55 3.97 5.07
C THR A 77 5.33 2.51 5.48
N ALA A 78 4.57 2.30 6.54
CA ALA A 78 4.32 0.94 7.02
C ALA A 78 3.90 0.03 5.88
N GLU A 79 2.93 0.48 5.09
CA GLU A 79 2.41 -0.28 3.95
C GLU A 79 3.47 -0.71 2.94
N VAL A 80 4.31 0.23 2.51
CA VAL A 80 5.36 -0.06 1.55
C VAL A 80 6.42 -0.98 2.18
N ALA A 81 6.79 -0.65 3.40
CA ALA A 81 7.80 -1.41 4.12
C ALA A 81 7.40 -2.86 4.22
N GLU A 82 6.15 -3.09 4.60
CA GLU A 82 5.67 -4.46 4.75
C GLU A 82 5.82 -5.25 3.46
N THR A 83 5.43 -4.66 2.34
CA THR A 83 5.52 -5.34 1.06
C THR A 83 6.96 -5.53 0.63
N LYS A 84 7.76 -4.50 0.84
CA LYS A 84 9.17 -4.54 0.47
C LYS A 84 9.91 -5.67 1.19
N VAL A 85 9.69 -5.79 2.51
CA VAL A 85 10.35 -6.85 3.27
C VAL A 85 9.95 -8.24 2.72
N ALA A 86 8.68 -8.44 2.42
CA ALA A 86 8.23 -9.73 1.91
C ALA A 86 8.85 -10.05 0.56
N MET A 87 9.03 -9.03 -0.26
CA MET A 87 9.61 -9.25 -1.58
C MET A 87 11.10 -9.60 -1.49
N VAL A 88 11.83 -8.83 -0.71
CA VAL A 88 13.25 -9.09 -0.56
C VAL A 88 13.54 -10.49 -0.04
N ASN A 89 12.83 -10.91 1.00
CA ASN A 89 13.03 -12.23 1.58
C ASN A 89 12.68 -13.33 0.59
N LYS A 90 11.70 -13.05 -0.27
CA LYS A 90 11.25 -14.01 -1.26
C LYS A 90 12.32 -14.22 -2.33
N TYR A 91 13.00 -13.14 -2.68
CA TYR A 91 14.06 -13.16 -3.68
C TYR A 91 15.22 -13.98 -3.12
N ALA A 92 15.61 -13.66 -1.88
CA ALA A 92 16.70 -14.36 -1.22
C ALA A 92 16.39 -15.85 -1.18
N ARG A 93 15.21 -16.19 -0.72
CA ARG A 93 14.82 -17.59 -0.62
C ARG A 93 14.82 -18.29 -1.98
N GLU A 94 14.37 -17.60 -3.02
CA GLU A 94 14.34 -18.18 -4.35
C GLU A 94 15.75 -18.41 -4.89
N ASN A 95 16.71 -17.63 -4.42
CA ASN A 95 18.08 -17.77 -4.87
C ASN A 95 18.89 -18.60 -3.87
N GLU A 96 18.17 -19.31 -3.01
CA GLU A 96 18.73 -20.20 -2.00
C GLU A 96 19.75 -19.56 -1.02
N HIS A 97 19.51 -18.30 -0.67
CA HIS A 97 20.36 -17.60 0.28
C HIS A 97 19.56 -17.31 1.54
N PRO A 98 20.23 -17.18 2.69
CA PRO A 98 19.52 -16.90 3.94
C PRO A 98 19.37 -15.40 4.27
N LEU A 99 19.71 -14.53 3.31
CA LEU A 99 19.62 -13.08 3.52
C LEU A 99 18.30 -12.66 4.20
N LEU A 100 18.37 -12.32 5.48
CA LEU A 100 17.19 -11.95 6.25
C LEU A 100 16.96 -10.45 6.33
N CYS A 101 15.80 -10.03 5.82
CA CYS A 101 15.39 -8.63 5.80
C CYS A 101 14.26 -8.44 6.82
N THR A 102 14.34 -7.38 7.62
CA THR A 102 13.31 -7.10 8.62
C THR A 102 12.91 -5.63 8.60
N LEU A 103 11.92 -5.29 9.42
CA LEU A 103 11.45 -3.91 9.50
C LEU A 103 11.27 -3.52 10.96
N GLU A 104 11.63 -2.27 11.27
CA GLU A 104 11.50 -1.71 12.61
C GLU A 104 10.81 -0.36 12.52
N LYS A 105 9.96 -0.08 13.50
CA LYS A 105 9.21 1.17 13.56
C LYS A 105 10.10 2.36 13.89
N ALA A 106 9.50 3.54 13.86
CA ALA A 106 10.17 4.81 14.17
C ALA A 106 10.96 5.34 13.00
N MET B 1 -18.68 -10.06 -7.39
CA MET B 1 -18.00 -10.27 -8.69
C MET B 1 -17.53 -8.94 -9.28
N LEU B 2 -17.48 -7.92 -8.43
CA LEU B 2 -17.04 -6.59 -8.86
C LEU B 2 -17.90 -6.04 -9.99
N ASN B 3 -18.84 -5.17 -9.66
CA ASN B 3 -19.68 -4.58 -10.70
C ASN B 3 -18.75 -3.82 -11.64
N GLN B 4 -19.21 -3.60 -12.87
CA GLN B 4 -18.41 -2.93 -13.88
C GLN B 4 -17.84 -1.59 -13.45
N GLU B 5 -18.55 -0.88 -12.59
CA GLU B 5 -18.08 0.41 -12.13
C GLU B 5 -16.80 0.27 -11.29
N LEU B 6 -16.73 -0.79 -10.48
CA LEU B 6 -15.58 -1.02 -9.63
C LEU B 6 -14.36 -1.38 -10.48
N GLU B 7 -14.58 -2.25 -11.47
CA GLU B 7 -13.51 -2.68 -12.38
C GLU B 7 -12.82 -1.46 -12.95
N LEU B 8 -13.62 -0.50 -13.39
CA LEU B 8 -13.10 0.73 -13.97
C LEU B 8 -12.18 1.41 -12.98
N SER B 9 -12.66 1.55 -11.74
CA SER B 9 -11.88 2.17 -10.68
C SER B 9 -10.57 1.42 -10.41
N LEU B 10 -10.68 0.10 -10.26
CA LEU B 10 -9.51 -0.73 -10.03
C LEU B 10 -8.54 -0.58 -11.18
N ASN B 11 -9.05 -0.50 -12.40
CA ASN B 11 -8.18 -0.35 -13.56
C ASN B 11 -7.57 1.05 -13.55
N MET B 12 -8.37 2.01 -13.13
CA MET B 12 -7.92 3.39 -13.08
C MET B 12 -6.77 3.58 -12.09
N ALA B 13 -6.91 3.00 -10.90
CA ALA B 13 -5.85 3.13 -9.91
C ALA B 13 -4.59 2.46 -10.42
N PHE B 14 -4.75 1.29 -11.03
CA PHE B 14 -3.62 0.53 -11.54
C PHE B 14 -2.87 1.31 -12.62
N ALA B 15 -3.62 2.02 -13.46
CA ALA B 15 -3.00 2.80 -14.54
C ALA B 15 -2.31 4.02 -13.96
N ARG B 16 -2.94 4.60 -12.94
CA ARG B 16 -2.39 5.75 -12.26
C ARG B 16 -0.97 5.40 -11.81
N ALA B 17 -0.83 4.23 -11.18
CA ALA B 17 0.46 3.79 -10.69
C ALA B 17 1.48 3.54 -11.80
N ARG B 18 1.09 2.77 -12.80
CA ARG B 18 1.97 2.46 -13.93
C ARG B 18 2.43 3.72 -14.64
N GLU B 19 1.51 4.66 -14.82
CA GLU B 19 1.78 5.92 -15.50
C GLU B 19 2.92 6.71 -14.86
N HIS B 20 3.14 6.50 -13.56
CA HIS B 20 4.21 7.18 -12.83
C HIS B 20 5.31 6.19 -12.51
N ARG B 21 5.26 5.02 -13.15
CA ARG B 21 6.25 3.98 -12.91
C ARG B 21 6.38 3.72 -11.40
N HIS B 22 5.27 3.76 -10.67
CA HIS B 22 5.32 3.50 -9.24
C HIS B 22 5.65 2.02 -9.00
N GLU B 23 6.46 1.75 -8.00
CA GLU B 23 6.81 0.38 -7.68
C GLU B 23 5.57 -0.34 -7.16
N PHE B 24 4.71 0.40 -6.46
CA PHE B 24 3.50 -0.20 -5.89
C PHE B 24 2.18 0.54 -6.11
N MET B 25 1.11 -0.23 -6.33
CA MET B 25 -0.21 0.37 -6.42
C MET B 25 -0.68 0.15 -4.98
N THR B 26 -0.86 1.25 -4.25
CA THR B 26 -1.22 1.18 -2.84
C THR B 26 -2.69 1.39 -2.52
N VAL B 27 -3.04 1.24 -1.25
CA VAL B 27 -4.39 1.45 -0.79
C VAL B 27 -4.81 2.91 -1.04
N GLU B 28 -3.83 3.81 -0.99
CA GLU B 28 -4.10 5.23 -1.22
C GLU B 28 -4.46 5.43 -2.68
N HIS B 29 -3.80 4.69 -3.58
CA HIS B 29 -4.13 4.77 -5.00
C HIS B 29 -5.58 4.35 -5.12
N LEU B 30 -5.91 3.27 -4.42
CA LEU B 30 -7.25 2.71 -4.43
C LEU B 30 -8.26 3.76 -4.01
N LEU B 31 -8.07 4.37 -2.85
CA LEU B 31 -9.03 5.36 -2.37
C LEU B 31 -9.23 6.55 -3.32
N LEU B 32 -8.13 7.08 -3.84
CA LEU B 32 -8.21 8.23 -4.75
C LEU B 32 -9.07 7.87 -5.97
N ALA B 33 -8.88 6.65 -6.48
CA ALA B 33 -9.65 6.18 -7.62
C ALA B 33 -11.11 6.00 -7.22
N LEU B 34 -11.34 5.65 -5.96
CA LEU B 34 -12.70 5.44 -5.46
C LEU B 34 -13.48 6.76 -5.37
N LEU B 35 -12.75 7.88 -5.30
CA LEU B 35 -13.40 9.18 -5.21
C LEU B 35 -14.25 9.43 -6.46
N SER B 36 -13.88 8.79 -7.56
CA SER B 36 -14.61 8.91 -8.82
C SER B 36 -15.56 7.72 -9.01
N ASN B 37 -15.60 6.84 -8.03
CA ASN B 37 -16.51 5.70 -8.10
C ASN B 37 -17.83 6.17 -7.52
N PRO B 38 -18.89 6.16 -8.33
CA PRO B 38 -20.21 6.60 -7.86
C PRO B 38 -20.63 6.01 -6.52
N SER B 39 -20.62 4.70 -6.41
CA SER B 39 -21.00 4.01 -5.19
C SER B 39 -20.17 4.54 -4.01
N ALA B 40 -18.87 4.72 -4.23
CA ALA B 40 -17.97 5.19 -3.18
C ALA B 40 -18.09 6.69 -2.93
N ARG B 41 -18.22 7.46 -4.01
CA ARG B 41 -18.35 8.91 -3.91
C ARG B 41 -19.61 9.26 -3.13
N GLU B 42 -20.70 8.60 -3.48
CA GLU B 42 -21.99 8.83 -2.82
C GLU B 42 -21.92 8.62 -1.30
N ALA B 43 -21.29 7.54 -0.87
CA ALA B 43 -21.17 7.24 0.56
C ALA B 43 -20.37 8.33 1.26
N LEU B 44 -19.31 8.78 0.61
CA LEU B 44 -18.47 9.82 1.19
C LEU B 44 -19.21 11.16 1.22
N GLU B 45 -19.90 11.51 0.12
CA GLU B 45 -20.66 12.76 0.09
C GLU B 45 -21.72 12.67 1.19
N ALA B 46 -22.32 11.50 1.35
CA ALA B 46 -23.33 11.30 2.37
C ALA B 46 -22.72 11.47 3.77
N CYS B 47 -21.41 11.31 3.86
CA CYS B 47 -20.74 11.48 5.14
C CYS B 47 -20.16 12.87 5.31
N SER B 48 -20.48 13.76 4.37
CA SER B 48 -20.01 15.14 4.40
C SER B 48 -18.48 15.28 4.45
N VAL B 49 -17.80 14.74 3.45
CA VAL B 49 -16.36 14.83 3.41
C VAL B 49 -15.92 15.77 2.29
N ASP B 50 -14.94 16.61 2.58
CA ASP B 50 -14.42 17.56 1.60
C ASP B 50 -13.60 16.76 0.60
N LEU B 51 -14.22 16.40 -0.52
CA LEU B 51 -13.54 15.62 -1.54
C LEU B 51 -12.43 16.39 -2.24
N VAL B 52 -12.46 17.71 -2.14
CA VAL B 52 -11.42 18.51 -2.78
C VAL B 52 -10.10 18.31 -2.01
N ALA B 53 -10.19 18.40 -0.68
CA ALA B 53 -9.02 18.25 0.19
C ALA B 53 -8.46 16.82 0.16
N LEU B 54 -9.34 15.85 0.45
CA LEU B 54 -8.97 14.44 0.47
C LEU B 54 -8.17 14.09 -0.78
N ARG B 55 -8.65 14.51 -1.94
CA ARG B 55 -7.94 14.23 -3.18
C ARG B 55 -6.55 14.86 -3.17
N GLN B 56 -6.47 16.06 -2.62
CA GLN B 56 -5.20 16.78 -2.52
C GLN B 56 -4.26 16.00 -1.60
N GLU B 57 -4.77 15.60 -0.45
CA GLU B 57 -3.96 14.87 0.52
C GLU B 57 -3.44 13.54 -0.05
N LEU B 58 -4.34 12.73 -0.60
CA LEU B 58 -3.94 11.44 -1.15
C LEU B 58 -2.91 11.60 -2.27
N GLU B 59 -3.17 12.52 -3.19
CA GLU B 59 -2.26 12.75 -4.30
C GLU B 59 -0.90 13.20 -3.79
N ALA B 60 -0.87 14.05 -2.77
CA ALA B 60 0.39 14.54 -2.22
C ALA B 60 1.13 13.40 -1.51
N PHE B 61 0.36 12.55 -0.83
CA PHE B 61 0.95 11.43 -0.11
C PHE B 61 1.56 10.40 -1.05
N ILE B 62 0.83 10.08 -2.12
CA ILE B 62 1.30 9.10 -3.08
C ILE B 62 2.61 9.51 -3.76
N GLU B 63 2.68 10.78 -4.16
CA GLU B 63 3.86 11.30 -4.83
C GLU B 63 5.10 11.21 -3.93
N GLN B 64 4.96 11.66 -2.70
CA GLN B 64 6.07 11.68 -1.77
C GLN B 64 6.50 10.36 -1.10
N THR B 65 5.60 9.38 -1.04
CA THR B 65 5.95 8.13 -0.36
C THR B 65 6.05 6.88 -1.20
N THR B 66 5.57 6.95 -2.44
CA THR B 66 5.63 5.80 -3.32
C THR B 66 6.94 5.73 -4.12
N PRO B 67 7.75 4.68 -3.90
CA PRO B 67 9.02 4.48 -4.60
C PRO B 67 8.81 4.36 -6.11
N VAL B 68 9.72 4.94 -6.88
CA VAL B 68 9.63 4.87 -8.32
C VAL B 68 10.57 3.79 -8.84
N LEU B 69 10.15 3.09 -9.90
CA LEU B 69 10.97 2.04 -10.48
C LEU B 69 12.13 2.64 -11.28
N PRO B 70 13.32 2.02 -11.19
CA PRO B 70 14.50 2.52 -11.92
C PRO B 70 14.35 2.28 -13.44
N ALA B 71 14.86 3.22 -14.24
CA ALA B 71 14.79 3.11 -15.69
C ALA B 71 15.30 1.74 -16.15
N SER B 72 16.07 1.10 -15.28
CA SER B 72 16.62 -0.22 -15.55
C SER B 72 15.85 -1.30 -14.80
N ARG B 76 10.12 -6.12 -14.18
CA ARG B 76 9.61 -5.66 -12.90
C ARG B 76 8.55 -4.58 -13.09
N ASP B 77 7.28 -4.98 -13.06
CA ASP B 77 6.17 -4.05 -13.25
C ASP B 77 5.59 -3.58 -11.91
N THR B 78 4.63 -2.68 -11.97
CA THR B 78 3.94 -2.16 -10.80
C THR B 78 3.30 -3.32 -10.05
N GLN B 79 3.38 -3.27 -8.73
CA GLN B 79 2.87 -4.34 -7.89
C GLN B 79 1.92 -3.84 -6.81
N PRO B 80 0.89 -4.62 -6.47
CA PRO B 80 -0.09 -4.25 -5.44
C PRO B 80 0.55 -4.49 -4.08
N THR B 81 0.32 -3.61 -3.13
CA THR B 81 0.86 -3.81 -1.80
C THR B 81 0.07 -4.96 -1.16
N LEU B 82 0.63 -5.59 -0.13
CA LEU B 82 -0.06 -6.68 0.56
C LEU B 82 -1.31 -6.09 1.20
N SER B 83 -1.23 -4.82 1.55
CA SER B 83 -2.36 -4.10 2.17
C SER B 83 -3.47 -4.00 1.13
N PHE B 84 -3.11 -3.64 -0.08
CA PHE B 84 -4.08 -3.55 -1.16
C PHE B 84 -4.79 -4.89 -1.35
N GLN B 85 -4.02 -5.97 -1.46
CA GLN B 85 -4.60 -7.31 -1.66
C GLN B 85 -5.58 -7.69 -0.55
N ARG B 86 -5.24 -7.38 0.69
CA ARG B 86 -6.14 -7.69 1.80
C ARG B 86 -7.45 -6.92 1.68
N VAL B 87 -7.39 -5.62 1.36
CA VAL B 87 -8.61 -4.84 1.23
C VAL B 87 -9.56 -5.46 0.23
N LEU B 88 -9.06 -5.72 -0.96
CA LEU B 88 -9.86 -6.28 -2.03
C LEU B 88 -10.41 -7.66 -1.68
N GLN B 89 -9.59 -8.47 -1.04
CA GLN B 89 -10.01 -9.81 -0.65
C GLN B 89 -11.06 -9.75 0.47
N ARG B 90 -10.95 -8.73 1.32
CA ARG B 90 -11.88 -8.54 2.42
C ARG B 90 -13.26 -8.18 1.86
N ALA B 91 -13.28 -7.32 0.84
CA ALA B 91 -14.54 -6.91 0.23
C ALA B 91 -15.21 -8.09 -0.47
N VAL B 92 -14.44 -8.85 -1.25
CA VAL B 92 -14.98 -10.00 -1.94
C VAL B 92 -15.59 -11.00 -0.94
N PHE B 93 -14.84 -11.32 0.09
CA PHE B 93 -15.31 -12.26 1.10
C PHE B 93 -16.62 -11.81 1.75
N HIS B 94 -16.63 -10.60 2.30
CA HIS B 94 -17.85 -10.11 2.94
C HIS B 94 -19.08 -10.14 2.05
N VAL B 95 -18.93 -9.76 0.78
CA VAL B 95 -20.06 -9.79 -0.15
C VAL B 95 -20.59 -11.22 -0.31
N GLN B 96 -19.65 -12.16 -0.46
CA GLN B 96 -19.97 -13.56 -0.61
C GLN B 96 -20.61 -14.07 0.67
N SER B 97 -19.97 -13.78 1.79
CA SER B 97 -20.48 -14.25 3.08
C SER B 97 -21.75 -13.54 3.57
N SER B 98 -22.18 -12.50 2.86
CA SER B 98 -23.39 -11.82 3.28
C SER B 98 -24.49 -12.09 2.28
N GLY B 99 -24.20 -13.00 1.36
CA GLY B 99 -25.17 -13.41 0.36
C GLY B 99 -25.53 -12.44 -0.76
N ARG B 100 -24.54 -11.69 -1.26
CA ARG B 100 -24.80 -10.75 -2.36
C ARG B 100 -24.03 -11.18 -3.59
N ASN B 101 -24.47 -10.72 -4.77
CA ASN B 101 -23.83 -11.07 -6.03
C ASN B 101 -22.66 -10.19 -6.43
N GLU B 102 -22.78 -8.88 -6.24
CA GLU B 102 -21.72 -7.97 -6.66
C GLU B 102 -21.01 -7.19 -5.59
N VAL B 103 -19.75 -6.87 -5.87
CA VAL B 103 -18.94 -6.09 -4.95
C VAL B 103 -18.96 -4.69 -5.53
N THR B 104 -19.23 -3.69 -4.69
CA THR B 104 -19.27 -2.31 -5.15
C THR B 104 -18.10 -1.52 -4.59
N GLY B 105 -17.95 -0.28 -5.04
CA GLY B 105 -16.88 0.58 -4.55
C GLY B 105 -17.09 0.88 -3.08
N ALA B 106 -18.35 0.98 -2.69
CA ALA B 106 -18.71 1.27 -1.30
C ALA B 106 -18.27 0.12 -0.41
N ASN B 107 -18.38 -1.11 -0.91
CA ASN B 107 -17.97 -2.29 -0.13
C ASN B 107 -16.44 -2.25 0.05
N VAL B 108 -15.74 -1.87 -1.02
CA VAL B 108 -14.28 -1.79 -0.97
C VAL B 108 -13.92 -0.68 0.01
N LEU B 109 -14.61 0.45 -0.12
CA LEU B 109 -14.38 1.59 0.78
C LEU B 109 -14.50 1.12 2.22
N VAL B 110 -15.52 0.32 2.51
CA VAL B 110 -15.73 -0.19 3.86
C VAL B 110 -14.50 -0.97 4.31
N ALA B 111 -14.04 -1.87 3.45
CA ALA B 111 -12.89 -2.72 3.76
C ALA B 111 -11.60 -1.96 4.02
N ILE B 112 -11.53 -0.70 3.58
CA ILE B 112 -10.32 0.06 3.79
C ILE B 112 -10.08 0.39 5.27
N PHE B 113 -11.16 0.52 6.05
CA PHE B 113 -11.03 0.84 7.47
C PHE B 113 -10.29 -0.24 8.26
N SER B 114 -10.20 -1.45 7.70
CA SER B 114 -9.52 -2.56 8.37
C SER B 114 -7.99 -2.48 8.27
N GLU B 115 -7.50 -1.68 7.34
CA GLU B 115 -6.06 -1.53 7.20
C GLU B 115 -5.59 -0.40 8.11
N GLN B 116 -5.47 -0.75 9.39
CA GLN B 116 -5.05 0.13 10.48
C GLN B 116 -3.89 1.07 10.21
N GLU B 117 -2.79 0.54 9.70
CA GLU B 117 -1.61 1.35 9.45
C GLU B 117 -1.57 1.98 8.06
N SER B 118 -2.71 2.04 7.38
CA SER B 118 -2.72 2.63 6.06
C SER B 118 -3.01 4.12 6.18
N GLN B 119 -2.35 4.92 5.34
CA GLN B 119 -2.56 6.35 5.34
C GLN B 119 -4.03 6.60 4.98
N ALA B 120 -4.56 5.75 4.12
CA ALA B 120 -5.95 5.86 3.69
C ALA B 120 -6.93 5.81 4.85
N ALA B 121 -6.76 4.85 5.75
CA ALA B 121 -7.66 4.73 6.90
C ALA B 121 -7.51 5.99 7.75
N TYR B 122 -6.26 6.42 7.95
CA TYR B 122 -5.97 7.62 8.72
C TYR B 122 -6.63 8.89 8.18
N LEU B 123 -6.54 9.09 6.86
CA LEU B 123 -7.13 10.28 6.24
C LEU B 123 -8.64 10.28 6.37
N LEU B 124 -9.24 9.09 6.32
CA LEU B 124 -10.70 8.96 6.46
C LEU B 124 -11.10 9.37 7.88
N ARG B 125 -10.35 8.90 8.87
CA ARG B 125 -10.65 9.25 10.25
C ARG B 125 -10.45 10.76 10.46
N LYS B 126 -9.45 11.34 9.79
CA LYS B 126 -9.17 12.77 9.92
C LYS B 126 -10.33 13.63 9.42
N HIS B 127 -11.09 13.09 8.48
CA HIS B 127 -12.23 13.80 7.94
C HIS B 127 -13.46 13.33 8.68
N GLU B 128 -13.23 12.77 9.87
CA GLU B 128 -14.28 12.29 10.74
C GLU B 128 -15.29 11.28 10.16
N VAL B 129 -14.80 10.35 9.35
CA VAL B 129 -15.64 9.31 8.76
C VAL B 129 -15.21 8.00 9.38
N SER B 130 -16.12 7.32 10.07
CA SER B 130 -15.80 6.05 10.69
C SER B 130 -16.40 4.95 9.80
N ARG B 131 -16.08 3.70 10.11
CA ARG B 131 -16.58 2.56 9.35
C ARG B 131 -18.10 2.46 9.51
N LEU B 132 -18.59 2.73 10.71
CA LEU B 132 -20.01 2.68 10.99
C LEU B 132 -20.80 3.68 10.15
N ASP B 133 -20.25 4.88 9.99
CA ASP B 133 -20.93 5.90 9.21
C ASP B 133 -21.17 5.41 7.79
N VAL B 134 -20.17 4.79 7.18
CA VAL B 134 -20.32 4.31 5.81
C VAL B 134 -21.26 3.11 5.76
N VAL B 135 -21.16 2.23 6.77
CA VAL B 135 -22.01 1.05 6.82
C VAL B 135 -23.49 1.45 6.99
N ASN B 136 -23.77 2.41 7.86
CA ASN B 136 -25.14 2.84 8.06
C ASN B 136 -25.74 3.41 6.79
N PHE B 137 -24.97 4.21 6.08
CA PHE B 137 -25.47 4.79 4.84
C PHE B 137 -25.78 3.74 3.77
N ILE B 138 -24.91 2.74 3.66
CA ILE B 138 -25.07 1.69 2.68
C ILE B 138 -26.28 0.79 2.95
N SER B 139 -26.34 0.22 4.14
CA SER B 139 -27.42 -0.67 4.51
C SER B 139 -28.75 0.02 4.79
N HIS B 140 -28.78 0.96 5.73
CA HIS B 140 -30.02 1.64 6.03
C HIS B 140 -30.08 2.95 5.28
N GLY B 141 -31.26 3.57 5.31
CA GLY B 141 -31.48 4.81 4.60
C GLY B 141 -30.29 5.70 4.33
N THR B 142 -30.50 6.68 3.45
CA THR B 142 -29.46 7.64 3.10
C THR B 142 -29.09 8.33 4.41
N ARG B 143 -28.84 7.51 5.42
CA ARG B 143 -28.50 7.95 6.76
C ARG B 143 -27.29 8.89 6.66
N LYS B 144 -27.59 10.16 6.39
CA LYS B 144 -26.57 11.20 6.26
C LYS B 144 -25.95 11.44 7.63
N ASP B 145 -24.67 11.79 7.65
CA ASP B 145 -23.98 12.08 8.90
C ASP B 145 -24.85 13.06 9.67
N GLU B 146 -25.47 13.97 8.92
CA GLU B 146 -26.35 14.99 9.48
C GLU B 146 -26.72 15.99 8.39
N1 SPK C . -30.32 -9.77 11.21
C2 SPK C . -29.18 -9.63 10.24
C3 SPK C . -28.75 -10.91 9.65
C4 SPK C . -27.37 -10.91 9.08
N5 SPK C . -27.22 -10.99 7.60
C6 SPK C . -25.79 -10.97 7.23
C7 SPK C . -25.07 -12.21 7.70
C8 SPK C . -23.61 -12.27 7.40
C9 SPK C . -22.92 -13.26 8.31
N10 SPK C . -21.46 -13.34 8.03
C11 SPK C . -20.76 -14.31 8.93
C12 SPK C . -19.29 -14.36 8.63
C13 SPK C . -18.51 -15.31 9.49
N14 SPK C . -17.19 -14.77 9.97
#